data_7TOK
#
_entry.id   7TOK
#
_cell.length_a   60.084
_cell.length_b   120.964
_cell.length_c   86.645
_cell.angle_alpha   90.000
_cell.angle_beta   90.000
_cell.angle_gamma   90.000
#
_symmetry.space_group_name_H-M   'C 2 2 21'
#
loop_
_entity.id
_entity.type
_entity.pdbx_description
1 polymer 'Acetylxylan esterase I'
2 water water
#
_entity_poly.entity_id   1
_entity_poly.type   'polypeptide(L)'
_entity_poly.pdbx_seq_one_letter_code
;PPEPGLAQNTLRQIIKVSLGGKQIR(MSE)RFSNLFSDQPAVLKSVSVANVTEAPAVDIKTQKILSFKGSPQVTLGADEV
(MSE)YSDAFDFELQPGQLLAITIHYGEISSNVSGHPGSRTTSYILQGDHINNESFAGAVKTDHWYSI(MSE)GVDISSV
KN
;
_entity_poly.pdbx_strand_id   A,B
#
# COMPACT_ATOMS: atom_id res chain seq x y z
N GLY A 5 0.66 17.36 22.26
CA GLY A 5 -0.29 16.50 22.94
C GLY A 5 -1.66 16.44 22.28
N LEU A 6 -2.26 15.24 22.28
CA LEU A 6 -3.57 15.08 21.65
C LEU A 6 -4.37 13.90 22.21
N ALA A 7 -3.93 13.28 23.30
CA ALA A 7 -4.64 12.13 23.86
C ALA A 7 -6.04 12.52 24.32
N GLN A 8 -6.91 11.50 24.44
CA GLN A 8 -8.31 11.64 24.84
C GLN A 8 -9.11 12.57 23.92
N ASN A 9 -8.60 12.85 22.72
CA ASN A 9 -9.28 13.67 21.73
C ASN A 9 -9.74 12.80 20.55
N THR A 10 -10.18 13.46 19.47
CA THR A 10 -10.64 12.76 18.28
C THR A 10 -10.18 13.51 17.04
N LEU A 11 -9.40 12.82 16.21
CA LEU A 11 -8.81 13.40 15.00
C LEU A 11 -9.43 12.74 13.78
N ARG A 12 -9.87 13.57 12.82
CA ARG A 12 -10.47 13.09 11.57
C ARG A 12 -9.62 13.59 10.41
N GLN A 13 -8.95 12.67 9.73
CA GLN A 13 -8.10 13.01 8.59
C GLN A 13 -8.82 12.73 7.28
N ILE A 14 -8.61 13.61 6.30
CA ILE A 14 -9.21 13.48 4.98
C ILE A 14 -8.08 13.16 3.99
N ILE A 15 -8.19 12.03 3.30
CA ILE A 15 -7.16 11.59 2.37
C ILE A 15 -7.75 11.42 0.97
N LYS A 16 -6.85 11.25 -0.01
CA LYS A 16 -7.18 11.13 -1.42
C LYS A 16 -6.76 9.75 -1.91
N VAL A 17 -7.73 8.88 -2.18
CA VAL A 17 -7.45 7.53 -2.62
C VAL A 17 -7.33 7.52 -4.15
N SER A 18 -6.36 6.76 -4.65
CA SER A 18 -6.17 6.60 -6.08
C SER A 18 -6.47 5.18 -6.56
N LEU A 19 -6.89 4.29 -5.67
CA LEU A 19 -7.15 2.89 -6.02
C LEU A 19 -8.52 2.48 -5.50
N GLY A 20 -9.40 2.06 -6.41
CA GLY A 20 -10.69 1.53 -6.02
C GLY A 20 -10.65 0.04 -5.72
N GLY A 21 -11.75 -0.45 -5.16
CA GLY A 21 -11.85 -1.86 -4.84
C GLY A 21 -13.05 -2.15 -3.97
N LYS A 22 -13.20 -3.44 -3.67
CA LYS A 22 -14.30 -3.95 -2.85
C LYS A 22 -13.91 -4.18 -1.41
N GLN A 23 -12.68 -4.64 -1.17
CA GLN A 23 -12.19 -4.97 0.17
C GLN A 23 -10.83 -4.32 0.35
N ILE A 24 -10.71 -3.45 1.34
CA ILE A 24 -9.51 -2.67 1.58
C ILE A 24 -9.03 -2.89 3.00
N ARG A 25 -7.84 -2.37 3.28
CA ARG A 25 -7.21 -2.45 4.58
C ARG A 25 -6.53 -1.12 4.88
N ARG A 27 -3.53 1.14 6.62
CA ARG A 27 -2.20 1.22 7.22
C ARG A 27 -2.17 2.25 8.33
N PHE A 28 -1.46 1.92 9.42
CA PHE A 28 -1.30 2.83 10.54
C PHE A 28 0.16 2.83 10.96
N SER A 29 0.76 4.03 10.97
CA SER A 29 2.15 4.22 11.35
C SER A 29 2.26 5.35 12.36
N ASN A 30 3.11 5.17 13.36
CA ASN A 30 3.31 6.20 14.37
C ASN A 30 4.26 7.26 13.81
N LEU A 31 3.68 8.25 13.12
CA LEU A 31 4.47 9.39 12.66
C LEU A 31 4.87 10.27 13.83
N PHE A 32 3.87 10.83 14.53
CA PHE A 32 4.10 11.53 15.79
C PHE A 32 4.73 10.42 16.62
N SER A 33 5.99 10.59 16.99
CA SER A 33 6.79 9.58 17.72
C SER A 33 6.87 9.85 19.23
N ASP A 34 7.98 9.40 19.85
CA ASP A 34 8.22 9.53 21.29
C ASP A 34 7.15 8.59 21.82
N GLN A 35 6.46 8.98 22.89
CA GLN A 35 5.39 8.17 23.47
C GLN A 35 4.42 7.45 22.50
N PRO A 36 3.86 6.31 22.93
CA PRO A 36 2.90 5.53 22.14
C PRO A 36 1.52 6.17 22.10
N ALA A 37 0.74 5.75 21.10
CA ALA A 37 -0.59 6.28 20.86
C ALA A 37 -1.62 5.18 21.10
N VAL A 38 -2.59 5.45 21.98
CA VAL A 38 -3.65 4.52 22.28
C VAL A 38 -4.85 4.89 21.41
N LEU A 39 -5.17 4.03 20.45
CA LEU A 39 -6.29 4.27 19.54
C LEU A 39 -7.52 3.61 20.12
N LYS A 40 -8.39 4.40 20.75
CA LYS A 40 -9.58 3.86 21.38
C LYS A 40 -10.59 3.36 20.35
N SER A 41 -10.77 4.10 19.26
CA SER A 41 -11.72 3.72 18.22
C SER A 41 -11.30 4.36 16.92
N VAL A 42 -11.44 3.62 15.82
CA VAL A 42 -11.12 4.10 14.48
C VAL A 42 -12.31 3.86 13.58
N SER A 43 -12.58 4.82 12.68
CA SER A 43 -13.67 4.68 11.73
C SER A 43 -13.22 5.19 10.37
N VAL A 44 -13.81 4.63 9.32
CA VAL A 44 -13.55 5.01 7.94
C VAL A 44 -14.89 5.30 7.26
N ALA A 45 -14.98 6.44 6.58
CA ALA A 45 -16.26 6.88 6.01
C ALA A 45 -16.02 7.75 4.80
N ASN A 46 -17.09 7.99 4.05
CA ASN A 46 -17.04 8.87 2.89
C ASN A 46 -17.22 10.32 3.30
N VAL A 47 -16.71 11.22 2.46
CA VAL A 47 -16.68 12.65 2.74
C VAL A 47 -17.76 13.33 1.92
N THR A 48 -18.54 14.20 2.57
CA THR A 48 -19.47 15.05 1.84
C THR A 48 -18.81 16.38 1.54
N GLU A 49 -18.77 17.29 2.52
CA GLU A 49 -18.17 18.59 2.41
C GLU A 49 -17.38 18.84 3.67
N ALA A 50 -16.31 19.63 3.57
CA ALA A 50 -15.45 20.00 4.69
C ALA A 50 -15.00 18.77 5.40
N PRO A 51 -15.16 18.77 6.72
CA PRO A 51 -14.86 17.65 7.61
C PRO A 51 -16.11 16.82 7.86
N ALA A 52 -17.22 17.16 7.20
CA ALA A 52 -18.44 16.40 7.41
C ALA A 52 -18.42 15.10 6.64
N VAL A 53 -18.94 14.04 7.25
CA VAL A 53 -18.90 12.70 6.67
C VAL A 53 -20.30 12.10 6.58
N ASP A 54 -20.37 10.78 6.44
CA ASP A 54 -21.62 10.06 6.24
C ASP A 54 -21.50 8.74 6.99
N ILE A 55 -22.25 8.56 8.09
CA ILE A 55 -22.13 7.32 8.86
C ILE A 55 -22.75 6.16 8.10
N LYS A 56 -23.76 6.42 7.26
CA LYS A 56 -24.40 5.34 6.51
C LYS A 56 -23.40 4.55 5.67
N THR A 57 -22.19 5.10 5.45
CA THR A 57 -21.08 4.35 4.88
C THR A 57 -19.94 4.14 5.86
N GLN A 58 -20.03 4.68 7.08
CA GLN A 58 -18.93 4.57 8.04
C GLN A 58 -18.78 3.15 8.53
N LYS A 59 -17.52 2.70 8.63
CA LYS A 59 -17.19 1.37 9.09
C LYS A 59 -16.20 1.48 10.25
N ILE A 60 -16.53 0.85 11.36
CA ILE A 60 -15.63 0.82 12.51
C ILE A 60 -14.61 -0.30 12.33
N LEU A 61 -13.34 -0.01 12.60
CA LEU A 61 -12.24 -0.92 12.35
C LEU A 61 -11.94 -1.77 13.58
N SER A 62 -11.33 -2.94 13.34
CA SER A 62 -10.86 -3.81 14.41
C SER A 62 -9.42 -4.21 14.14
N PHE A 63 -8.70 -4.53 15.22
CA PHE A 63 -7.27 -4.84 15.14
C PHE A 63 -7.03 -6.17 15.84
N LYS A 64 -6.81 -7.21 15.05
CA LYS A 64 -6.69 -8.59 15.55
C LYS A 64 -7.92 -8.96 16.38
N GLY A 65 -9.08 -8.50 15.93
CA GLY A 65 -10.34 -8.72 16.63
C GLY A 65 -10.68 -7.66 17.65
N SER A 66 -9.69 -6.91 18.13
CA SER A 66 -9.91 -5.91 19.17
C SER A 66 -10.17 -4.54 18.55
N PRO A 67 -11.17 -3.79 19.04
CA PRO A 67 -11.41 -2.45 18.50
C PRO A 67 -10.39 -1.41 18.94
N GLN A 68 -9.62 -1.68 19.98
CA GLN A 68 -8.56 -0.79 20.44
C GLN A 68 -7.19 -1.32 20.03
N VAL A 69 -6.21 -0.44 20.01
CA VAL A 69 -4.86 -0.82 19.63
C VAL A 69 -3.91 0.26 20.13
N THR A 70 -2.73 -0.16 20.58
CA THR A 70 -1.66 0.76 20.97
C THR A 70 -0.50 0.61 20.02
N LEU A 71 0.07 1.73 19.60
CA LEU A 71 1.16 1.77 18.61
C LEU A 71 2.37 2.45 19.23
N GLY A 72 3.38 1.66 19.58
CA GLY A 72 4.62 2.20 20.09
C GLY A 72 5.40 2.93 19.02
N ALA A 73 6.55 3.46 19.43
CA ALA A 73 7.42 4.18 18.50
C ALA A 73 7.98 3.24 17.44
N ASP A 74 8.08 3.75 16.21
CA ASP A 74 8.64 3.01 15.09
C ASP A 74 7.86 1.73 14.81
N GLU A 75 6.57 1.75 15.06
CA GLU A 75 5.71 0.59 14.84
C GLU A 75 4.69 0.89 13.75
N VAL A 76 4.45 -0.09 12.90
CA VAL A 76 3.38 -0.03 11.91
C VAL A 76 2.45 -1.21 12.15
N TYR A 78 -1.60 -2.77 10.60
CA TYR A 78 -2.75 -2.63 9.72
C TYR A 78 -4.02 -3.03 10.47
N SER A 79 -5.14 -2.47 10.03
CA SER A 79 -6.42 -2.87 10.57
C SER A 79 -6.85 -4.20 9.94
N ASP A 80 -7.90 -4.78 10.50
CA ASP A 80 -8.48 -5.95 9.88
C ASP A 80 -9.17 -5.58 8.58
N ALA A 81 -9.32 -6.58 7.71
CA ALA A 81 -9.95 -6.36 6.42
C ALA A 81 -11.43 -6.03 6.60
N PHE A 82 -11.92 -5.07 5.83
CA PHE A 82 -13.33 -4.68 5.89
C PHE A 82 -13.82 -4.32 4.50
N ASP A 83 -15.07 -4.67 4.22
CA ASP A 83 -15.68 -4.32 2.95
C ASP A 83 -15.89 -2.82 2.87
N PHE A 84 -15.59 -2.25 1.70
CA PHE A 84 -15.79 -0.82 1.50
C PHE A 84 -15.93 -0.52 0.01
N GLU A 85 -16.85 0.40 -0.30
CA GLU A 85 -17.12 0.88 -1.65
C GLU A 85 -16.08 1.95 -2.00
N LEU A 86 -14.85 1.52 -2.25
CA LEU A 86 -13.77 2.43 -2.59
C LEU A 86 -13.73 2.63 -4.10
N GLN A 87 -13.60 3.89 -4.52
CA GLN A 87 -13.55 4.25 -5.93
C GLN A 87 -12.24 4.97 -6.25
N PRO A 88 -11.64 4.69 -7.40
CA PRO A 88 -10.42 5.43 -7.79
C PRO A 88 -10.70 6.92 -7.87
N GLY A 89 -9.97 7.69 -7.07
CA GLY A 89 -10.21 9.12 -7.01
C GLY A 89 -11.43 9.45 -6.17
N GLN A 90 -11.31 9.26 -4.86
CA GLN A 90 -12.41 9.49 -3.94
C GLN A 90 -11.84 10.15 -2.69
N LEU A 91 -12.72 10.84 -1.95
CA LEU A 91 -12.34 11.45 -0.69
C LEU A 91 -12.69 10.52 0.46
N LEU A 92 -11.69 10.18 1.27
CA LEU A 92 -11.85 9.26 2.39
C LEU A 92 -11.56 9.97 3.70
N ALA A 93 -12.32 9.60 4.74
CA ALA A 93 -12.17 10.17 6.07
C ALA A 93 -11.85 9.06 7.06
N ILE A 94 -10.82 9.28 7.89
CA ILE A 94 -10.45 8.34 8.94
C ILE A 94 -10.48 9.10 10.26
N THR A 95 -11.38 8.71 11.15
CA THR A 95 -11.56 9.34 12.44
C THR A 95 -11.03 8.43 13.55
N ILE A 96 -10.19 8.98 14.41
CA ILE A 96 -9.54 8.22 15.47
C ILE A 96 -9.79 8.92 16.80
N HIS A 97 -10.27 8.17 17.79
CA HIS A 97 -10.40 8.65 19.15
C HIS A 97 -9.28 8.04 19.98
N TYR A 98 -8.52 8.89 20.66
CA TYR A 98 -7.35 8.49 21.42
C TYR A 98 -7.69 8.37 22.90
N GLY A 99 -6.79 7.74 23.65
CA GLY A 99 -7.04 7.51 25.06
C GLY A 99 -5.80 7.47 25.93
N GLU A 100 -5.42 8.62 26.48
CA GLU A 100 -4.29 8.73 27.40
C GLU A 100 -2.99 8.20 26.78
N THR A 113 -1.97 18.05 4.07
CA THR A 113 -3.19 17.25 4.07
C THR A 113 -4.07 17.63 5.26
N THR A 114 -5.37 17.83 5.01
CA THR A 114 -6.29 18.33 6.02
C THR A 114 -6.43 17.36 7.19
N SER A 115 -6.65 17.92 8.38
CA SER A 115 -6.85 17.15 9.61
C SER A 115 -7.55 18.06 10.62
N TYR A 116 -8.45 17.46 11.40
CA TYR A 116 -9.44 18.19 12.19
C TYR A 116 -9.49 17.59 13.59
N ILE A 117 -9.24 18.42 14.61
CA ILE A 117 -9.16 17.97 16.01
C ILE A 117 -10.36 18.48 16.78
N LEU A 118 -11.03 17.57 17.49
CA LEU A 118 -12.08 17.89 18.45
C LEU A 118 -11.73 17.30 19.81
N GLN A 119 -12.09 18.02 20.88
CA GLN A 119 -11.80 17.56 22.24
C GLN A 119 -12.84 16.52 22.67
N GLY A 120 -12.37 15.40 23.19
CA GLY A 120 -13.25 14.32 23.60
C GLY A 120 -13.46 13.28 22.51
N ASP A 121 -14.43 12.40 22.77
CA ASP A 121 -14.79 11.36 21.81
C ASP A 121 -15.79 11.91 20.81
N HIS A 122 -15.46 11.80 19.52
CA HIS A 122 -16.34 12.27 18.45
C HIS A 122 -16.31 11.28 17.28
N ILE A 123 -16.43 9.99 17.60
CA ILE A 123 -16.42 8.98 16.55
C ILE A 123 -17.69 9.05 15.72
N ASN A 124 -18.83 9.30 16.37
CA ASN A 124 -20.12 9.40 15.68
C ASN A 124 -20.55 10.84 15.45
N ASN A 125 -19.62 11.70 15.02
CA ASN A 125 -19.89 13.12 14.80
C ASN A 125 -19.72 13.40 13.30
N GLU A 126 -20.85 13.58 12.60
CA GLU A 126 -20.80 14.00 11.20
C GLU A 126 -20.16 15.35 10.99
N SER A 127 -20.84 16.39 11.46
CA SER A 127 -20.45 17.77 11.13
C SER A 127 -18.99 18.05 11.47
N PHE A 128 -18.54 17.63 12.66
CA PHE A 128 -17.28 18.09 13.24
C PHE A 128 -17.24 19.62 13.32
N ALA A 129 -18.41 20.24 13.48
CA ALA A 129 -18.48 21.69 13.52
C ALA A 129 -17.65 22.23 14.68
N GLY A 130 -17.08 23.41 14.48
CA GLY A 130 -16.17 23.95 15.46
C GLY A 130 -14.79 23.32 15.45
N ALA A 131 -14.41 22.64 14.37
CA ALA A 131 -13.11 22.00 14.29
C ALA A 131 -12.01 23.01 13.99
N VAL A 132 -10.80 22.66 14.39
CA VAL A 132 -9.62 23.45 14.06
C VAL A 132 -9.11 22.88 12.75
N LYS A 133 -7.90 23.25 12.34
CA LYS A 133 -7.27 22.68 11.14
C LYS A 133 -5.76 22.84 11.30
N THR A 134 -5.05 21.72 11.47
CA THR A 134 -3.62 21.76 11.76
C THR A 134 -2.79 22.08 10.53
N ASP A 135 -1.52 21.69 10.56
CA ASP A 135 -0.58 21.98 9.47
C ASP A 135 -0.88 21.18 8.21
N SER A 139 2.57 14.76 8.76
CA SER A 139 1.26 14.90 9.40
C SER A 139 1.34 14.53 10.89
N ILE A 140 0.34 13.78 11.37
CA ILE A 140 0.23 13.44 12.78
C ILE A 140 0.22 11.92 12.96
N GLY A 142 0.39 8.29 10.32
CA GLY A 142 0.46 7.73 8.99
C GLY A 142 -0.66 6.77 8.66
N VAL A 143 -1.59 7.20 7.80
CA VAL A 143 -2.68 6.35 7.35
C VAL A 143 -2.62 6.21 5.84
N ASP A 144 -3.06 5.06 5.35
CA ASP A 144 -3.00 4.76 3.93
C ASP A 144 -3.85 3.52 3.67
N ILE A 145 -4.45 3.47 2.49
CA ILE A 145 -5.18 2.29 2.07
C ILE A 145 -4.20 1.24 1.60
N SER A 146 -4.61 -0.03 1.68
CA SER A 146 -3.75 -1.13 1.29
C SER A 146 -4.61 -2.31 0.85
N SER A 147 -4.05 -3.12 -0.03
CA SER A 147 -4.75 -4.30 -0.55
C SER A 147 -4.87 -5.36 0.54
N VAL A 148 -5.56 -6.44 0.21
CA VAL A 148 -5.78 -7.56 1.11
C VAL A 148 -5.48 -8.85 0.36
N LYS A 149 -5.55 -9.97 1.07
CA LYS A 149 -5.32 -11.29 0.47
C LYS A 149 -6.42 -11.63 -0.53
N PRO B 4 18.91 -22.31 -9.33
CA PRO B 4 19.81 -21.14 -9.28
C PRO B 4 19.73 -20.41 -7.95
N GLY B 5 20.31 -19.21 -7.87
CA GLY B 5 20.34 -18.48 -6.62
C GLY B 5 20.53 -16.98 -6.75
N LEU B 6 19.51 -16.29 -7.26
CA LEU B 6 19.41 -14.82 -7.19
C LEU B 6 20.54 -14.23 -8.02
N ALA B 7 21.47 -13.48 -7.44
CA ALA B 7 22.76 -13.15 -8.07
C ALA B 7 22.51 -12.46 -9.42
N GLN B 8 23.16 -12.90 -10.50
CA GLN B 8 23.05 -12.23 -11.80
C GLN B 8 21.90 -12.76 -12.64
N ASN B 9 20.84 -13.28 -12.03
CA ASN B 9 19.73 -13.88 -12.75
C ASN B 9 18.51 -12.96 -12.75
N THR B 10 17.38 -13.48 -13.21
CA THR B 10 16.15 -12.71 -13.36
C THR B 10 14.99 -13.46 -12.73
N LEU B 11 14.27 -12.80 -11.84
CA LEU B 11 13.14 -13.41 -11.14
C LEU B 11 11.86 -12.70 -11.52
N ARG B 12 10.82 -13.48 -11.82
CA ARG B 12 9.51 -12.93 -12.15
C ARG B 12 8.50 -13.50 -11.16
N GLN B 13 7.79 -12.61 -10.46
CA GLN B 13 6.78 -13.00 -9.49
C GLN B 13 5.39 -12.65 -10.01
N ILE B 14 4.43 -13.53 -9.73
CA ILE B 14 3.06 -13.38 -10.20
C ILE B 14 2.20 -13.15 -8.97
N ILE B 15 1.54 -12.00 -8.89
CA ILE B 15 0.67 -11.72 -7.75
C ILE B 15 -0.72 -11.29 -8.23
N LYS B 16 -1.69 -11.41 -7.32
CA LYS B 16 -3.04 -10.90 -7.56
C LYS B 16 -3.19 -9.54 -6.88
N VAL B 17 -4.09 -8.73 -7.42
CA VAL B 17 -4.38 -7.42 -6.85
C VAL B 17 -5.87 -7.34 -6.56
N SER B 18 -6.21 -6.85 -5.37
CA SER B 18 -7.59 -6.65 -4.99
C SER B 18 -8.06 -5.23 -5.25
N LEU B 19 -7.14 -4.33 -5.57
CA LEU B 19 -7.46 -2.92 -5.80
C LEU B 19 -7.25 -2.60 -7.27
N GLY B 20 -8.28 -2.02 -7.89
CA GLY B 20 -8.15 -1.52 -9.24
C GLY B 20 -7.68 -0.07 -9.25
N GLY B 21 -7.38 0.40 -10.44
CA GLY B 21 -6.92 1.78 -10.59
C GLY B 21 -6.15 1.96 -11.87
N LYS B 22 -5.66 3.18 -12.04
CA LYS B 22 -4.88 3.56 -13.21
C LYS B 22 -3.55 4.23 -12.89
N GLN B 23 -3.37 4.75 -11.69
CA GLN B 23 -2.11 5.36 -11.24
C GLN B 23 -1.60 4.56 -10.04
N ILE B 24 -0.56 3.74 -10.26
CA ILE B 24 -0.08 2.84 -9.22
C ILE B 24 1.44 2.87 -9.22
N ARG B 25 2.02 2.39 -8.12
CA ARG B 25 3.46 2.31 -8.00
C ARG B 25 3.82 1.21 -7.01
N ARG B 27 6.12 -1.27 -4.29
CA ARG B 27 6.87 -1.28 -3.04
C ARG B 27 7.94 -2.36 -3.09
N PHE B 28 9.16 -2.00 -2.70
CA PHE B 28 10.27 -2.94 -2.64
C PHE B 28 10.96 -2.82 -1.29
N SER B 29 11.01 -3.94 -0.56
CA SER B 29 11.68 -4.00 0.73
C SER B 29 12.47 -5.30 0.80
N ASN B 30 13.76 -5.19 1.13
CA ASN B 30 14.65 -6.34 1.13
C ASN B 30 13.89 -7.34 1.99
N LEU B 31 13.63 -8.53 1.45
CA LEU B 31 12.96 -9.61 2.17
C LEU B 31 14.05 -10.59 2.57
N PHE B 32 14.60 -11.31 1.59
CA PHE B 32 15.78 -12.14 1.81
C PHE B 32 16.93 -11.16 2.04
N SER B 33 17.24 -10.86 3.31
CA SER B 33 17.97 -9.65 3.68
C SER B 33 19.48 -9.81 3.76
N ASP B 34 20.08 -9.21 4.79
CA ASP B 34 21.53 -9.13 5.00
C ASP B 34 22.12 -8.28 3.87
N GLN B 35 23.00 -8.83 3.02
CA GLN B 35 23.70 -8.07 1.99
C GLN B 35 22.74 -7.34 1.07
N PRO B 36 23.15 -6.21 0.48
CA PRO B 36 22.24 -5.47 -0.39
C PRO B 36 21.93 -6.22 -1.68
N ALA B 37 20.84 -5.80 -2.32
CA ALA B 37 20.37 -6.38 -3.58
C ALA B 37 20.43 -5.31 -4.66
N VAL B 38 21.11 -5.63 -5.76
CA VAL B 38 21.26 -4.72 -6.89
C VAL B 38 20.16 -5.06 -7.90
N LEU B 39 19.17 -4.19 -8.02
CA LEU B 39 18.10 -4.35 -9.01
C LEU B 39 18.54 -3.67 -10.30
N LYS B 40 18.99 -4.46 -11.27
CA LYS B 40 19.44 -3.89 -12.53
C LYS B 40 18.27 -3.38 -13.36
N SER B 41 17.14 -4.09 -13.34
CA SER B 41 15.96 -3.68 -14.08
C SER B 41 14.73 -4.32 -13.46
N VAL B 42 13.62 -3.58 -13.45
CA VAL B 42 12.37 -4.04 -12.86
C VAL B 42 11.23 -3.66 -13.80
N SER B 43 10.34 -4.61 -14.07
CA SER B 43 9.24 -4.39 -14.98
C SER B 43 7.96 -4.98 -14.42
N VAL B 44 6.84 -4.30 -14.68
CA VAL B 44 5.52 -4.84 -14.38
C VAL B 44 4.79 -5.00 -15.71
N ALA B 45 3.95 -6.02 -15.79
CA ALA B 45 3.25 -6.32 -17.04
C ALA B 45 2.01 -7.14 -16.75
N ASN B 46 1.05 -7.07 -17.67
CA ASN B 46 -0.10 -7.95 -17.62
C ASN B 46 0.34 -9.38 -17.90
N VAL B 47 -0.46 -10.34 -17.44
CA VAL B 47 -0.11 -11.75 -17.45
C VAL B 47 -0.98 -12.46 -18.48
N THR B 48 -0.35 -13.18 -19.41
CA THR B 48 -1.11 -14.01 -20.35
C THR B 48 -1.43 -15.36 -19.73
N GLU B 49 -0.45 -16.27 -19.69
CA GLU B 49 -0.63 -17.59 -19.11
C GLU B 49 0.66 -18.00 -18.40
N ALA B 50 0.50 -18.69 -17.27
CA ALA B 50 1.58 -19.39 -16.58
C ALA B 50 2.70 -18.35 -16.27
N PRO B 51 3.94 -18.44 -16.72
CA PRO B 51 4.84 -17.30 -16.45
C PRO B 51 4.96 -16.29 -17.59
N ALA B 52 4.25 -16.48 -18.70
CA ALA B 52 4.32 -15.56 -19.83
C ALA B 52 3.50 -14.30 -19.55
N VAL B 53 4.01 -13.18 -20.05
CA VAL B 53 3.40 -11.88 -19.87
C VAL B 53 3.02 -11.30 -21.22
N ASP B 54 2.17 -10.28 -21.19
CA ASP B 54 1.86 -9.51 -22.40
C ASP B 54 2.97 -8.48 -22.56
N ILE B 55 3.96 -8.78 -23.40
CA ILE B 55 5.12 -7.93 -23.55
C ILE B 55 4.74 -6.53 -24.05
N LYS B 56 3.62 -6.41 -24.77
CA LYS B 56 3.17 -5.11 -25.26
C LYS B 56 2.70 -4.20 -24.14
N THR B 57 2.48 -4.74 -22.94
CA THR B 57 2.10 -3.95 -21.78
C THR B 57 3.20 -3.86 -20.73
N GLN B 58 4.38 -4.41 -20.99
CA GLN B 58 5.47 -4.31 -20.05
C GLN B 58 5.94 -2.86 -19.95
N LYS B 59 6.08 -2.38 -18.73
CA LYS B 59 6.59 -1.04 -18.46
C LYS B 59 7.82 -1.15 -17.58
N ILE B 60 8.91 -0.53 -18.01
CA ILE B 60 10.15 -0.54 -17.25
C ILE B 60 10.05 0.49 -16.14
N LEU B 61 10.19 0.04 -14.90
CA LEU B 61 10.11 0.93 -13.75
C LEU B 61 11.38 1.77 -13.62
N SER B 62 11.24 2.92 -12.97
CA SER B 62 12.36 3.80 -12.67
C SER B 62 12.31 4.19 -11.20
N PHE B 63 13.48 4.41 -10.62
CA PHE B 63 13.62 4.75 -9.22
C PHE B 63 14.34 6.09 -9.14
N LYS B 64 13.58 7.16 -8.91
CA LYS B 64 14.11 8.51 -8.97
C LYS B 64 14.79 8.75 -10.32
N GLY B 65 14.15 8.29 -11.39
CA GLY B 65 14.66 8.39 -12.73
C GLY B 65 15.60 7.28 -13.14
N SER B 66 16.26 6.64 -12.17
CA SER B 66 17.23 5.59 -12.46
C SER B 66 16.52 4.25 -12.52
N PRO B 67 16.57 3.54 -13.65
CA PRO B 67 15.98 2.19 -13.68
C PRO B 67 16.74 1.19 -12.84
N GLN B 68 18.01 1.45 -12.55
CA GLN B 68 18.79 0.64 -11.63
C GLN B 68 18.69 1.21 -10.22
N VAL B 69 18.56 0.33 -9.23
CA VAL B 69 18.48 0.73 -7.84
C VAL B 69 19.09 -0.36 -6.97
N THR B 70 19.76 0.06 -5.90
CA THR B 70 20.39 -0.84 -4.95
C THR B 70 19.65 -0.74 -3.62
N LEU B 71 19.23 -1.89 -3.08
CA LEU B 71 18.44 -1.96 -1.87
C LEU B 71 19.32 -2.49 -0.74
N GLY B 72 19.57 -1.65 0.26
CA GLY B 72 20.38 -2.04 1.40
C GLY B 72 19.61 -2.91 2.38
N ALA B 73 20.22 -3.07 3.56
CA ALA B 73 19.62 -3.88 4.60
C ALA B 73 18.38 -3.31 5.28
N ASP B 74 17.26 -4.03 5.14
CA ASP B 74 15.93 -3.63 5.61
C ASP B 74 15.55 -2.22 5.16
N GLU B 75 15.97 -1.83 3.96
CA GLU B 75 15.48 -0.61 3.33
C GLU B 75 14.23 -0.92 2.54
N VAL B 76 13.28 0.02 2.54
CA VAL B 76 12.10 -0.06 1.71
C VAL B 76 12.20 1.01 0.63
N TYR B 78 10.25 2.80 -2.88
CA TYR B 78 9.02 3.06 -3.62
C TYR B 78 9.43 3.39 -5.05
N SER B 79 9.00 2.58 -6.01
CA SER B 79 9.24 2.92 -7.40
C SER B 79 8.49 4.19 -7.75
N ASP B 80 9.00 4.89 -8.77
CA ASP B 80 8.31 6.07 -9.25
C ASP B 80 6.92 5.70 -9.77
N ALA B 81 6.01 6.67 -9.73
CA ALA B 81 4.65 6.44 -10.18
C ALA B 81 4.62 6.20 -11.69
N PHE B 82 3.74 5.30 -12.12
CA PHE B 82 3.58 5.00 -13.53
C PHE B 82 2.13 4.65 -13.83
N ASP B 83 1.82 4.59 -15.12
CA ASP B 83 0.46 4.34 -15.59
C ASP B 83 0.25 2.86 -15.82
N PHE B 84 -0.81 2.31 -15.24
CA PHE B 84 -1.11 0.90 -15.42
C PHE B 84 -2.59 0.68 -15.15
N GLU B 85 -3.26 0.05 -16.11
CA GLU B 85 -4.67 -0.30 -15.95
C GLU B 85 -4.76 -1.50 -15.01
N LEU B 86 -4.96 -1.23 -13.72
CA LEU B 86 -5.11 -2.29 -12.73
C LEU B 86 -6.58 -2.62 -12.53
N GLN B 87 -6.87 -3.92 -12.42
CA GLN B 87 -8.22 -4.42 -12.19
CA GLN B 87 -8.21 -4.42 -12.19
C GLN B 87 -8.23 -5.33 -10.99
N PRO B 88 -9.27 -5.27 -10.16
CA PRO B 88 -9.36 -6.20 -9.03
C PRO B 88 -9.50 -7.64 -9.51
N GLY B 89 -8.66 -8.51 -8.97
CA GLY B 89 -8.61 -9.89 -9.41
C GLY B 89 -7.70 -10.14 -10.59
N GLN B 90 -6.97 -9.13 -11.05
CA GLN B 90 -6.07 -9.28 -12.18
C GLN B 90 -4.70 -9.75 -11.71
N LEU B 91 -4.06 -10.59 -12.53
CA LEU B 91 -2.71 -11.06 -12.24
C LEU B 91 -1.70 -10.01 -12.70
N LEU B 92 -0.66 -9.82 -11.89
CA LEU B 92 0.40 -8.85 -12.19
C LEU B 92 1.75 -9.53 -12.04
N ALA B 93 2.60 -9.37 -13.06
CA ALA B 93 3.94 -9.94 -13.07
C ALA B 93 4.96 -8.84 -12.86
N ILE B 94 5.86 -9.04 -11.90
CA ILE B 94 6.94 -8.10 -11.62
C ILE B 94 8.24 -8.84 -11.91
N THR B 95 8.88 -8.48 -13.02
CA THR B 95 10.13 -9.11 -13.45
C THR B 95 11.30 -8.28 -12.94
N ILE B 96 12.21 -8.92 -12.20
CA ILE B 96 13.35 -8.26 -11.58
C ILE B 96 14.62 -8.93 -12.07
N HIS B 97 15.43 -8.21 -12.83
CA HIS B 97 16.76 -8.68 -13.21
C HIS B 97 17.76 -8.16 -12.19
N TYR B 98 18.42 -9.07 -11.51
CA TYR B 98 19.29 -8.78 -10.38
C TYR B 98 20.74 -8.62 -10.83
N GLY B 99 21.57 -8.13 -9.91
CA GLY B 99 23.01 -8.08 -10.10
C GLY B 99 23.72 -8.39 -8.81
N GLU B 100 24.97 -7.97 -8.67
CA GLU B 100 25.72 -8.11 -7.42
C GLU B 100 27.00 -7.28 -7.44
N THR B 113 3.19 -15.04 -4.83
CA THR B 113 3.38 -16.39 -4.30
C THR B 113 4.11 -17.27 -5.31
N THR B 114 3.77 -17.12 -6.59
CA THR B 114 4.39 -17.90 -7.65
C THR B 114 5.61 -17.14 -8.17
N SER B 115 6.77 -17.79 -8.12
CA SER B 115 8.03 -17.19 -8.54
C SER B 115 8.69 -18.07 -9.59
N TYR B 116 9.31 -17.43 -10.58
CA TYR B 116 9.96 -18.11 -11.68
C TYR B 116 11.37 -17.58 -11.84
N ILE B 117 12.36 -18.48 -11.78
CA ILE B 117 13.77 -18.12 -11.82
C ILE B 117 14.35 -18.55 -13.15
N LEU B 118 15.08 -17.63 -13.79
CA LEU B 118 15.83 -17.90 -15.01
C LEU B 118 17.21 -17.28 -14.88
N GLN B 119 18.24 -18.03 -15.26
CA GLN B 119 19.62 -17.60 -15.10
C GLN B 119 19.99 -16.57 -16.17
N GLY B 120 20.41 -15.39 -15.74
CA GLY B 120 20.84 -14.34 -16.64
C GLY B 120 19.86 -13.18 -16.69
N ASP B 121 19.97 -12.40 -17.77
CA ASP B 121 19.11 -11.24 -17.99
C ASP B 121 17.94 -11.63 -18.88
N HIS B 122 16.76 -11.76 -18.29
CA HIS B 122 15.54 -12.12 -19.00
C HIS B 122 14.48 -11.03 -18.85
N ILE B 123 14.90 -9.76 -18.87
CA ILE B 123 13.96 -8.66 -18.70
C ILE B 123 13.05 -8.53 -19.92
N ASN B 124 13.44 -9.08 -21.07
CA ASN B 124 12.65 -9.02 -22.29
C ASN B 124 12.20 -10.39 -22.76
N ASN B 125 12.18 -11.38 -21.86
CA ASN B 125 11.76 -12.73 -22.21
C ASN B 125 10.26 -12.81 -21.97
N GLU B 126 9.48 -12.72 -23.05
CA GLU B 126 8.03 -12.72 -22.92
C GLU B 126 7.53 -14.04 -22.36
N SER B 127 7.96 -15.16 -22.94
CA SER B 127 7.42 -16.46 -22.55
C SER B 127 7.96 -16.92 -21.19
N PHE B 128 9.22 -16.63 -20.89
CA PHE B 128 9.92 -17.22 -19.73
C PHE B 128 9.92 -18.75 -19.81
N ALA B 129 10.09 -19.27 -21.02
CA ALA B 129 10.11 -20.72 -21.20
C ALA B 129 11.29 -21.34 -20.49
N GLY B 130 11.14 -22.61 -20.08
CA GLY B 130 12.20 -23.33 -19.41
C GLY B 130 12.54 -22.83 -18.03
N ALA B 131 11.67 -22.03 -17.42
CA ALA B 131 11.94 -21.45 -16.11
C ALA B 131 11.55 -22.42 -14.98
N VAL B 132 12.15 -22.20 -13.82
CA VAL B 132 11.89 -23.00 -12.63
C VAL B 132 10.74 -22.39 -11.86
N LYS B 133 9.98 -23.23 -11.15
CA LYS B 133 8.96 -22.79 -10.21
C LYS B 133 9.54 -22.90 -8.80
N THR B 134 9.55 -21.80 -8.07
CA THR B 134 10.29 -21.67 -6.81
C THR B 134 9.30 -21.57 -5.64
N ASP B 135 9.46 -22.46 -4.66
CA ASP B 135 8.66 -22.47 -3.43
C ASP B 135 7.16 -22.67 -3.72
N ILE B 140 10.88 -13.99 -2.20
CA ILE B 140 12.28 -13.62 -2.30
C ILE B 140 12.45 -12.11 -2.09
N GLY B 142 9.34 -8.90 -1.08
CA GLY B 142 7.95 -8.50 -1.00
C GLY B 142 7.60 -7.28 -1.82
N VAL B 143 7.24 -7.49 -3.09
CA VAL B 143 6.69 -6.43 -3.91
C VAL B 143 5.24 -6.21 -3.53
N ASP B 144 4.76 -4.98 -3.69
CA ASP B 144 3.42 -4.63 -3.22
C ASP B 144 2.86 -3.50 -4.06
N ILE B 145 1.55 -3.56 -4.31
CA ILE B 145 0.85 -2.48 -4.98
C ILE B 145 0.55 -1.39 -3.95
N SER B 146 0.85 -0.14 -4.30
CA SER B 146 0.66 0.96 -3.37
C SER B 146 0.04 2.13 -4.12
N SER B 147 -0.53 3.05 -3.36
CA SER B 147 -1.14 4.24 -3.93
C SER B 147 -0.07 5.26 -4.29
N VAL B 148 -0.49 6.30 -5.01
CA VAL B 148 0.42 7.33 -5.52
C VAL B 148 0.16 8.62 -4.76
N LYS B 149 1.17 9.50 -4.76
CA LYS B 149 1.12 10.83 -4.14
C LYS B 149 -0.21 11.58 -4.35
#